data_3KTB
#
_entry.id   3KTB
#
_cell.length_a   115.911
_cell.length_b   115.911
_cell.length_c   83.579
_cell.angle_alpha   90.00
_cell.angle_beta   90.00
_cell.angle_gamma   90.00
#
_symmetry.space_group_name_H-M   'I 4'
#
loop_
_entity.id
_entity.type
_entity.pdbx_description
1 polymer 'Arsenical resistance operon trans-acting repressor'
2 non-polymer GLYCEROL
3 non-polymer 'ACETIC ACID'
4 non-polymer 'CALCIUM ION'
5 water water
#
_entity_poly.entity_id   1
_entity_poly.type   'polypeptide(L)'
_entity_poly.pdbx_seq_one_letter_code
;SNA(MSE)KKIEIFDPA(MSE)CCPTGLCGTNINPEL(MSE)RIAVVIESLKKQGIIVTRHNLRDEPQVYVSNKTVNDFL
QKHGADALPITLVDGEIAVSQTYPTTKQ(MSE)SEWTGVNLD
;
_entity_poly.pdbx_strand_id   A,B,C,D
#
loop_
_chem_comp.id
_chem_comp.type
_chem_comp.name
_chem_comp.formula
ACY non-polymer 'ACETIC ACID' 'C2 H4 O2'
CA non-polymer 'CALCIUM ION' 'Ca 2'
GOL non-polymer GLYCEROL 'C3 H8 O3'
#
# COMPACT_ATOMS: atom_id res chain seq x y z
N SER A 1 -25.38 32.88 -2.88
CA SER A 1 -24.24 31.94 -2.88
C SER A 1 -22.91 32.66 -2.93
N ASN A 2 -21.85 31.92 -2.61
CA ASN A 2 -20.47 32.37 -2.75
C ASN A 2 -19.74 31.58 -3.83
N ALA A 3 -18.66 32.15 -4.36
CA ALA A 3 -17.77 31.42 -5.25
C ALA A 3 -17.29 30.18 -4.52
N MSE A 4 -17.12 29.09 -5.26
CA MSE A 4 -16.52 27.88 -4.69
C MSE A 4 -15.11 28.16 -4.16
O MSE A 4 -14.36 28.95 -4.74
CB MSE A 4 -16.50 26.72 -5.70
CG MSE A 4 -17.88 26.42 -6.30
SE MSE A 4 -17.80 24.84 -7.45
CE MSE A 4 -17.28 25.75 -9.10
N LYS A 5 -14.79 27.54 -3.03
CA LYS A 5 -13.54 27.78 -2.34
C LYS A 5 -12.58 26.62 -2.60
N LYS A 6 -11.28 26.89 -2.65
CA LYS A 6 -10.32 25.82 -2.85
C LYS A 6 -10.16 25.07 -1.54
N ILE A 7 -10.19 23.73 -1.60
CA ILE A 7 -10.00 22.91 -0.42
C ILE A 7 -8.81 22.00 -0.65
N GLU A 8 -7.88 22.01 0.31
CA GLU A 8 -6.70 21.17 0.29
C GLU A 8 -6.56 20.54 1.67
N ILE A 9 -6.41 19.22 1.71
CA ILE A 9 -6.41 18.50 2.96
C ILE A 9 -5.06 17.82 3.20
N PHE A 10 -4.46 18.08 4.36
CA PHE A 10 -3.19 17.47 4.73
C PHE A 10 -3.42 16.34 5.72
N ASP A 11 -3.36 15.11 5.24
CA ASP A 11 -3.60 13.98 6.11
C ASP A 11 -2.42 13.77 7.07
N PRO A 12 -2.64 13.02 8.17
CA PRO A 12 -1.52 12.45 8.91
C PRO A 12 -0.74 11.51 8.00
N ALA A 13 0.36 10.95 8.52
CA ALA A 13 1.06 9.88 7.83
C ALA A 13 0.17 8.64 7.90
N MSE A 14 -0.16 8.10 6.74
CA MSE A 14 -1.01 6.92 6.67
C MSE A 14 -0.38 5.93 5.70
O MSE A 14 0.42 6.31 4.85
CB MSE A 14 -2.42 7.31 6.21
CG MSE A 14 -3.07 8.41 7.08
SE MSE A 14 -4.90 8.83 6.47
CE MSE A 14 -4.52 9.36 4.61
N CYS A 15 -0.75 4.67 5.81
CA CYS A 15 -0.16 3.63 4.97
C CYS A 15 -0.71 3.68 3.53
N CYS A 16 -1.78 4.43 3.32
CA CYS A 16 -2.31 4.64 1.96
C CYS A 16 -3.01 5.99 1.86
N PRO A 17 -3.13 6.51 0.63
CA PRO A 17 -3.64 7.88 0.46
C PRO A 17 -5.02 8.12 1.09
N THR A 18 -5.86 7.09 1.23
CA THR A 18 -7.20 7.32 1.76
C THR A 18 -7.34 6.91 3.21
N GLY A 19 -6.32 6.23 3.74
CA GLY A 19 -6.44 5.65 5.06
C GLY A 19 -7.36 4.43 5.12
N LEU A 20 -7.93 3.98 4.00
CA LEU A 20 -8.82 2.83 4.01
C LEU A 20 -8.08 1.51 3.78
N CYS A 21 -7.01 1.31 4.52
CA CYS A 21 -6.23 0.09 4.45
C CYS A 21 -6.11 -0.45 5.86
N GLY A 22 -6.11 -1.76 6.01
CA GLY A 22 -5.80 -2.33 7.31
C GLY A 22 -6.99 -2.72 8.16
N THR A 23 -6.90 -2.38 9.46
CA THR A 23 -7.84 -2.91 10.45
C THR A 23 -8.70 -1.89 11.23
N ASN A 24 -8.09 -0.84 11.80
CA ASN A 24 -8.84 0.17 12.58
C ASN A 24 -10.11 0.68 11.86
N ILE A 25 -9.95 1.29 10.68
CA ILE A 25 -11.04 1.57 9.73
C ILE A 25 -12.02 2.68 10.15
N ASN A 26 -11.44 3.77 10.66
CA ASN A 26 -12.18 4.98 11.05
C ASN A 26 -13.19 5.42 9.98
N PRO A 27 -14.48 5.39 10.31
CA PRO A 27 -15.57 5.74 9.39
C PRO A 27 -15.46 7.19 8.89
N GLU A 28 -14.79 8.05 9.64
CA GLU A 28 -14.54 9.40 9.16
C GLU A 28 -13.78 9.35 7.85
N LEU A 29 -12.73 8.52 7.80
CA LEU A 29 -11.94 8.43 6.57
C LEU A 29 -12.81 8.01 5.40
N MSE A 30 -13.76 7.13 5.65
CA MSE A 30 -14.64 6.71 4.57
C MSE A 30 -15.59 7.85 4.21
O MSE A 30 -15.87 8.10 3.03
CB MSE A 30 -15.40 5.43 4.93
CG MSE A 30 -16.29 4.85 3.84
SE MSE A 30 -15.43 4.27 2.15
CE MSE A 30 -15.85 2.37 2.24
N ARG A 31 -16.09 8.56 5.23
CA ARG A 31 -16.99 9.68 4.95
C ARG A 31 -16.32 10.68 4.00
N ILE A 32 -15.13 11.14 4.38
CA ILE A 32 -14.44 12.16 3.60
C ILE A 32 -13.99 11.64 2.22
N ALA A 33 -13.55 10.38 2.13
CA ALA A 33 -13.22 9.82 0.82
C ALA A 33 -14.43 9.80 -0.11
N VAL A 34 -15.60 9.49 0.44
CA VAL A 34 -16.80 9.45 -0.40
C VAL A 34 -17.14 10.86 -0.88
N VAL A 35 -17.04 11.83 0.03
CA VAL A 35 -17.28 13.23 -0.33
C VAL A 35 -16.32 13.65 -1.45
N ILE A 36 -15.03 13.35 -1.27
CA ILE A 36 -14.01 13.77 -2.24
C ILE A 36 -14.27 13.19 -3.63
N GLU A 37 -14.73 11.96 -3.67
CA GLU A 37 -15.02 11.30 -4.93
C GLU A 37 -16.29 11.90 -5.56
N SER A 38 -17.30 12.22 -4.75
CA SER A 38 -18.50 12.86 -5.32
C SER A 38 -18.15 14.19 -5.96
N LEU A 39 -17.27 14.95 -5.29
CA LEU A 39 -16.83 16.22 -5.86
C LEU A 39 -16.06 16.02 -7.17
N LYS A 40 -15.18 15.02 -7.19
CA LYS A 40 -14.34 14.72 -8.35
C LYS A 40 -15.24 14.50 -9.55
N LYS A 41 -16.28 13.70 -9.34
CA LYS A 41 -17.24 13.40 -10.40
C LYS A 41 -17.85 14.67 -10.99
N GLN A 42 -17.87 15.75 -10.22
CA GLN A 42 -18.47 17.01 -10.68
C GLN A 42 -17.39 18.01 -11.08
N GLY A 43 -16.19 17.51 -11.27
CA GLY A 43 -15.12 18.36 -11.75
C GLY A 43 -14.51 19.23 -10.67
N ILE A 44 -14.83 18.94 -9.42
CA ILE A 44 -14.24 19.68 -8.32
C ILE A 44 -13.17 18.83 -7.60
N ILE A 45 -11.95 19.34 -7.58
CA ILE A 45 -10.81 18.60 -7.06
C ILE A 45 -10.40 19.05 -5.66
N VAL A 46 -10.53 18.15 -4.70
CA VAL A 46 -10.01 18.38 -3.36
C VAL A 46 -8.65 17.68 -3.29
N THR A 47 -7.58 18.46 -3.29
CA THR A 47 -6.22 17.91 -3.28
C THR A 47 -5.94 17.37 -1.88
N ARG A 48 -5.41 16.14 -1.80
CA ARG A 48 -5.03 15.56 -0.50
C ARG A 48 -3.55 15.34 -0.47
N HIS A 49 -2.96 15.47 0.72
CA HIS A 49 -1.60 15.02 0.91
C HIS A 49 -1.49 14.05 2.08
N ASN A 50 -0.56 13.11 1.94
CA ASN A 50 -0.24 12.17 3.01
C ASN A 50 1.20 12.44 3.51
N LEU A 51 1.37 12.74 4.79
CA LEU A 51 2.69 13.05 5.34
C LEU A 51 3.74 11.97 5.00
N ARG A 52 3.36 10.72 5.12
CA ARG A 52 4.27 9.64 4.79
C ARG A 52 4.77 9.67 3.34
N ASP A 53 3.92 10.14 2.43
CA ASP A 53 4.24 10.10 1.00
C ASP A 53 4.84 11.42 0.47
N GLU A 54 4.32 12.56 0.93
CA GLU A 54 4.82 13.84 0.46
C GLU A 54 5.23 14.69 1.63
N PRO A 55 6.35 14.34 2.28
CA PRO A 55 6.77 15.09 3.48
C PRO A 55 7.15 16.51 3.13
N GLN A 56 7.68 16.73 1.93
CA GLN A 56 8.22 18.04 1.57
C GLN A 56 7.16 19.12 1.47
N VAL A 57 5.92 18.70 1.19
CA VAL A 57 4.83 19.65 1.07
C VAL A 57 4.42 20.22 2.43
N TYR A 58 4.64 19.46 3.50
CA TYR A 58 4.32 19.90 4.85
C TYR A 58 5.33 20.93 5.33
N VAL A 59 6.44 21.02 4.60
CA VAL A 59 7.43 22.07 4.84
C VAL A 59 7.19 23.27 3.92
N SER A 60 7.24 23.02 2.61
CA SER A 60 7.12 24.06 1.58
C SER A 60 5.89 24.95 1.77
N ASN A 61 4.81 24.36 2.26
CA ASN A 61 3.61 25.11 2.56
C ASN A 61 3.75 25.79 3.91
N LYS A 62 3.98 27.11 3.86
CA LYS A 62 4.38 27.85 5.05
C LYS A 62 3.29 27.84 6.13
N THR A 63 2.04 27.90 5.69
CA THR A 63 0.92 27.95 6.62
C THR A 63 0.82 26.67 7.41
N VAL A 64 0.91 25.56 6.70
CA VAL A 64 0.83 24.23 7.29
C VAL A 64 2.00 24.05 8.26
N ASN A 65 3.17 24.43 7.79
CA ASN A 65 4.36 24.30 8.61
C ASN A 65 4.26 25.02 9.96
N ASP A 66 3.92 26.31 9.93
CA ASP A 66 3.84 27.10 11.16
C ASP A 66 2.84 26.53 12.13
N PHE A 67 1.70 26.07 11.61
CA PHE A 67 0.65 25.59 12.49
C PHE A 67 1.18 24.38 13.23
N LEU A 68 1.95 23.58 12.50
CA LEU A 68 2.55 22.37 13.02
C LEU A 68 3.61 22.66 14.08
N GLN A 69 4.35 23.76 13.90
CA GLN A 69 5.30 24.21 14.90
C GLN A 69 4.54 24.44 16.22
N LYS A 70 3.42 25.14 16.10
CA LYS A 70 2.69 25.67 17.25
C LYS A 70 1.56 24.79 17.82
N HIS A 71 1.49 23.53 17.39
N HIS A 71 1.49 23.53 17.37
CA HIS A 71 0.50 22.62 17.96
CA HIS A 71 0.46 22.62 17.84
C HIS A 71 0.89 21.15 17.82
C HIS A 71 0.92 21.16 17.83
N GLY A 72 1.93 20.88 17.03
CA GLY A 72 2.42 19.52 16.85
C GLY A 72 1.77 18.81 15.66
N ALA A 73 2.14 17.55 15.46
CA ALA A 73 1.61 16.80 14.33
C ALA A 73 0.31 16.08 14.70
N ASP A 74 -0.04 16.12 15.98
CA ASP A 74 -1.31 15.58 16.44
C ASP A 74 -2.43 16.50 16.00
N ALA A 75 -2.06 17.57 15.32
CA ALA A 75 -3.00 18.53 14.73
C ALA A 75 -3.47 18.11 13.33
N LEU A 76 -2.80 17.13 12.72
CA LEU A 76 -3.21 16.58 11.45
C LEU A 76 -4.45 15.70 11.69
N PRO A 77 -5.44 15.75 10.77
CA PRO A 77 -5.38 16.42 9.46
C PRO A 77 -5.68 17.91 9.52
N ILE A 78 -5.00 18.68 8.67
CA ILE A 78 -5.27 20.09 8.53
C ILE A 78 -5.96 20.29 7.19
N THR A 79 -7.05 21.04 7.19
CA THR A 79 -7.73 21.40 5.95
C THR A 79 -7.59 22.89 5.68
N LEU A 80 -7.08 23.24 4.51
CA LEU A 80 -7.00 24.64 4.12
C LEU A 80 -8.19 24.93 3.21
N VAL A 81 -8.82 26.08 3.44
CA VAL A 81 -9.88 26.56 2.60
C VAL A 81 -9.41 27.92 2.12
N ASP A 82 -9.28 28.02 0.79
CA ASP A 82 -8.63 29.15 0.11
C ASP A 82 -7.30 29.55 0.74
N GLY A 83 -6.53 28.56 1.16
CA GLY A 83 -5.18 28.76 1.64
C GLY A 83 -5.03 28.89 3.14
N GLU A 84 -6.13 29.09 3.86
CA GLU A 84 -6.08 29.32 5.29
C GLU A 84 -6.65 28.16 6.11
N ILE A 85 -6.06 27.94 7.29
CA ILE A 85 -6.50 26.88 8.18
C ILE A 85 -7.99 27.00 8.41
N ALA A 86 -8.72 25.92 8.17
CA ALA A 86 -10.17 25.94 8.42
C ALA A 86 -10.55 24.87 9.45
N VAL A 87 -9.86 23.75 9.42
CA VAL A 87 -10.13 22.68 10.37
C VAL A 87 -8.85 21.95 10.73
N SER A 88 -8.76 21.48 11.99
CA SER A 88 -7.65 20.62 12.37
C SER A 88 -8.12 19.54 13.35
N GLN A 89 -7.20 18.57 13.56
CA GLN A 89 -7.43 17.36 14.36
C GLN A 89 -8.45 16.39 13.73
N THR A 90 -9.47 16.95 13.07
CA THR A 90 -10.59 16.19 12.52
C THR A 90 -10.84 16.58 11.05
N TYR A 91 -11.50 15.69 10.31
CA TYR A 91 -11.85 16.00 8.92
C TYR A 91 -13.09 16.88 8.88
N PRO A 92 -13.12 17.83 7.95
CA PRO A 92 -14.27 18.72 7.78
C PRO A 92 -15.56 17.92 7.70
N THR A 93 -16.60 18.42 8.35
CA THR A 93 -17.92 17.83 8.22
C THR A 93 -18.44 17.95 6.81
N THR A 94 -19.38 17.08 6.47
CA THR A 94 -20.04 17.15 5.19
C THR A 94 -20.79 18.48 5.01
N LYS A 95 -21.35 19.02 6.09
CA LYS A 95 -21.99 20.32 6.03
C LYS A 95 -21.04 21.40 5.51
N GLN A 96 -19.85 21.49 6.11
CA GLN A 96 -18.82 22.42 5.64
C GLN A 96 -18.39 22.20 4.18
N MSE A 97 -18.04 20.95 3.82
CA MSE A 97 -17.63 20.67 2.44
C MSE A 97 -18.73 21.15 1.51
O MSE A 97 -18.48 21.78 0.48
CB MSE A 97 -17.37 19.17 2.23
CG MSE A 97 -16.27 18.60 3.12
SE MSE A 97 -14.52 19.35 2.62
CE MSE A 97 -14.32 18.40 0.90
N SER A 98 -19.96 20.86 1.91
CA SER A 98 -21.14 21.22 1.13
C SER A 98 -21.24 22.74 1.00
N GLU A 99 -20.89 23.44 2.09
CA GLU A 99 -20.97 24.90 2.10
C GLU A 99 -19.83 25.51 1.29
N TRP A 100 -18.63 24.97 1.44
CA TRP A 100 -17.46 25.55 0.76
C TRP A 100 -17.50 25.32 -0.75
N THR A 101 -18.36 24.41 -1.14
CA THR A 101 -18.30 23.81 -2.46
C THR A 101 -19.56 24.14 -3.27
N GLY A 102 -20.64 24.46 -2.58
CA GLY A 102 -21.88 24.77 -3.24
C GLY A 102 -22.61 23.51 -3.68
N VAL A 103 -21.99 22.36 -3.46
CA VAL A 103 -22.61 21.08 -3.85
C VAL A 103 -23.44 20.48 -2.72
N ASN A 104 -24.65 20.03 -3.05
CA ASN A 104 -25.52 19.38 -2.07
C ASN A 104 -25.13 17.91 -1.89
N LEU A 105 -24.28 17.66 -0.90
CA LEU A 105 -23.72 16.33 -0.70
C LEU A 105 -24.68 15.39 0.06
N ASP A 106 -24.52 14.10 -0.22
CA ASP A 106 -25.38 13.02 0.28
C ASP A 106 -26.66 12.86 -0.53
N MSE B 4 -34.72 -14.20 2.62
CA MSE B 4 -33.71 -13.30 2.08
C MSE B 4 -32.43 -14.05 1.68
O MSE B 4 -32.04 -15.02 2.32
CB MSE B 4 -33.40 -12.20 3.10
CG MSE B 4 -32.26 -11.30 2.69
SE MSE B 4 -31.28 -10.56 4.20
CE MSE B 4 -32.75 -9.65 5.10
N LYS B 5 -31.76 -13.56 0.63
CA LYS B 5 -30.69 -14.32 -0.03
C LYS B 5 -29.27 -14.01 0.48
N LYS B 6 -28.46 -15.06 0.61
CA LYS B 6 -27.08 -14.89 1.06
C LYS B 6 -26.20 -14.39 -0.09
N ILE B 7 -25.47 -13.31 0.13
CA ILE B 7 -24.56 -12.76 -0.88
C ILE B 7 -23.09 -12.86 -0.45
N GLU B 8 -22.24 -13.35 -1.33
CA GLU B 8 -20.82 -13.54 -1.01
C GLU B 8 -19.96 -13.15 -2.22
N ILE B 9 -18.98 -12.29 -1.97
CA ILE B 9 -18.18 -11.72 -3.05
C ILE B 9 -16.70 -12.12 -2.98
N PHE B 10 -16.21 -12.67 -4.09
CA PHE B 10 -14.82 -13.07 -4.23
C PHE B 10 -14.12 -12.03 -5.10
N ASP B 11 -13.35 -11.16 -4.48
CA ASP B 11 -12.63 -10.13 -5.23
C ASP B 11 -11.43 -10.71 -5.98
N PRO B 12 -10.90 -9.97 -6.97
CA PRO B 12 -9.55 -10.24 -7.53
C PRO B 12 -8.56 -10.03 -6.41
N ALA B 13 -7.29 -10.27 -6.64
CA ALA B 13 -6.28 -9.91 -5.66
C ALA B 13 -6.26 -8.40 -5.55
N MSE B 14 -6.36 -7.86 -4.35
CA MSE B 14 -6.30 -6.42 -4.20
C MSE B 14 -5.34 -6.10 -3.07
O MSE B 14 -4.99 -6.96 -2.26
CB MSE B 14 -7.68 -5.86 -3.87
CG MSE B 14 -8.71 -6.21 -4.92
SE MSE B 14 -10.48 -5.35 -4.64
CE MSE B 14 -10.82 -5.91 -2.79
N CYS B 15 -4.92 -4.84 -2.98
CA CYS B 15 -3.94 -4.43 -1.96
C CYS B 15 -4.56 -4.14 -0.57
N CYS B 16 -5.87 -4.17 -0.48
CA CYS B 16 -6.57 -3.96 0.80
C CYS B 16 -8.01 -4.44 0.63
N PRO B 17 -8.74 -4.62 1.73
CA PRO B 17 -9.99 -5.39 1.67
C PRO B 17 -11.04 -4.73 0.79
N THR B 18 -11.04 -3.41 0.66
CA THR B 18 -12.06 -2.81 -0.20
C THR B 18 -11.52 -2.41 -1.57
N GLY B 19 -10.21 -2.46 -1.75
CA GLY B 19 -9.60 -2.03 -3.00
C GLY B 19 -9.59 -0.51 -3.10
N LEU B 20 -9.88 0.18 -1.99
CA LEU B 20 -9.92 1.64 -2.02
C LEU B 20 -8.67 2.24 -1.39
N CYS B 21 -7.52 1.58 -1.55
CA CYS B 21 -6.26 1.97 -0.92
C CYS B 21 -5.62 3.16 -1.61
N GLY B 22 -5.32 3.00 -2.89
CA GLY B 22 -4.46 3.90 -3.66
C GLY B 22 -4.94 5.31 -3.99
N THR B 23 -4.17 6.03 -4.80
CA THR B 23 -4.53 7.39 -5.19
C THR B 23 -5.72 7.43 -6.17
N ASN B 24 -5.85 6.39 -6.97
CA ASN B 24 -6.93 6.29 -7.95
C ASN B 24 -8.07 5.45 -7.41
N ILE B 25 -9.19 6.11 -7.14
CA ILE B 25 -10.34 5.43 -6.58
C ILE B 25 -11.16 4.87 -7.73
N ASN B 26 -11.36 3.57 -7.75
CA ASN B 26 -12.29 3.01 -8.71
C ASN B 26 -13.74 3.25 -8.22
N PRO B 27 -14.50 4.03 -8.99
CA PRO B 27 -15.85 4.39 -8.59
C PRO B 27 -16.73 3.15 -8.37
N GLU B 28 -16.51 2.07 -9.10
CA GLU B 28 -17.30 0.87 -8.86
C GLU B 28 -16.95 0.24 -7.48
N LEU B 29 -15.68 0.31 -7.08
CA LEU B 29 -15.27 -0.23 -5.79
C LEU B 29 -15.85 0.57 -4.65
N MSE B 30 -15.88 1.89 -4.80
CA MSE B 30 -16.42 2.68 -3.71
C MSE B 30 -17.93 2.46 -3.66
O MSE B 30 -18.51 2.27 -2.57
CB MSE B 30 -16.03 4.17 -3.80
CG MSE B 30 -16.20 4.93 -2.41
SE MSE B 30 -15.54 6.66 -2.64
CE MSE B 30 -16.94 7.18 -3.87
N ARG B 31 -18.58 2.41 -4.82
CA ARG B 31 -20.00 2.07 -4.82
C ARG B 31 -20.34 0.80 -4.02
N ILE B 32 -19.68 -0.30 -4.34
CA ILE B 32 -19.97 -1.56 -3.66
C ILE B 32 -19.53 -1.53 -2.19
N ALA B 33 -18.42 -0.87 -1.87
CA ALA B 33 -18.05 -0.72 -0.46
C ALA B 33 -19.11 0.04 0.35
N VAL B 34 -19.62 1.15 -0.22
CA VAL B 34 -20.66 1.95 0.47
C VAL B 34 -21.90 1.06 0.67
N VAL B 35 -22.29 0.32 -0.37
CA VAL B 35 -23.42 -0.59 -0.22
C VAL B 35 -23.20 -1.61 0.91
N ILE B 36 -22.01 -2.21 0.96
CA ILE B 36 -21.75 -3.25 1.95
C ILE B 36 -21.74 -2.65 3.35
N GLU B 37 -21.28 -1.42 3.45
CA GLU B 37 -21.31 -0.81 4.77
C GLU B 37 -22.77 -0.51 5.23
N SER B 38 -23.65 -0.15 4.28
CA SER B 38 -25.04 0.18 4.64
C SER B 38 -25.74 -1.09 5.07
N LEU B 39 -25.49 -2.18 4.34
CA LEU B 39 -26.04 -3.47 4.72
C LEU B 39 -25.56 -3.84 6.12
N LYS B 40 -24.25 -3.78 6.33
CA LYS B 40 -23.70 -4.09 7.64
C LYS B 40 -24.46 -3.37 8.75
N LYS B 41 -24.85 -2.13 8.48
CA LYS B 41 -25.55 -1.34 9.50
C LYS B 41 -27.02 -1.78 9.69
N GLN B 42 -27.61 -2.37 8.65
CA GLN B 42 -28.92 -3.02 8.79
C GLN B 42 -28.81 -4.40 9.46
N GLY B 43 -27.60 -4.78 9.87
CA GLY B 43 -27.34 -6.10 10.44
C GLY B 43 -27.16 -7.20 9.38
N ILE B 44 -26.87 -6.78 8.15
CA ILE B 44 -26.77 -7.71 7.03
C ILE B 44 -25.31 -7.76 6.56
N ILE B 45 -24.76 -8.98 6.58
CA ILE B 45 -23.33 -9.22 6.37
C ILE B 45 -23.10 -9.82 5.01
N VAL B 46 -22.45 -9.05 4.16
CA VAL B 46 -22.07 -9.57 2.84
C VAL B 46 -20.59 -9.91 2.94
N THR B 47 -20.28 -11.18 3.01
CA THR B 47 -18.90 -11.59 3.17
C THR B 47 -18.11 -11.35 1.86
N ARG B 48 -16.95 -10.72 1.92
CA ARG B 48 -16.10 -10.62 0.74
C ARG B 48 -14.71 -11.21 1.01
N HIS B 49 -14.08 -11.74 -0.03
CA HIS B 49 -12.76 -12.34 0.09
C HIS B 49 -11.81 -11.61 -0.84
N ASN B 50 -10.57 -11.53 -0.41
CA ASN B 50 -9.54 -10.96 -1.24
C ASN B 50 -8.55 -12.08 -1.65
N LEU B 51 -8.41 -12.34 -2.95
CA LEU B 51 -7.55 -13.41 -3.41
C LEU B 51 -6.10 -13.31 -2.87
N ARG B 52 -5.60 -12.10 -2.65
N ARG B 52 -5.61 -12.10 -2.63
CA ARG B 52 -4.27 -11.95 -2.07
CA ARG B 52 -4.25 -11.93 -2.09
C ARG B 52 -4.13 -12.66 -0.73
C ARG B 52 -4.09 -12.51 -0.68
N ASP B 53 -5.16 -12.55 0.11
CA ASP B 53 -5.03 -12.98 1.51
C ASP B 53 -5.72 -14.31 1.84
N GLU B 54 -6.71 -14.69 1.04
N GLU B 54 -6.66 -14.72 1.01
CA GLU B 54 -7.49 -15.88 1.28
CA GLU B 54 -7.46 -15.88 1.33
C GLU B 54 -7.49 -16.75 0.03
C GLU B 54 -7.49 -16.81 0.12
N PRO B 55 -6.32 -17.19 -0.40
CA PRO B 55 -6.26 -17.96 -1.65
C PRO B 55 -7.01 -19.28 -1.50
N GLN B 56 -7.01 -19.82 -0.29
CA GLN B 56 -7.51 -21.18 -0.12
C GLN B 56 -9.01 -21.24 -0.35
N VAL B 57 -9.72 -20.17 0.02
CA VAL B 57 -11.18 -20.18 -0.17
C VAL B 57 -11.60 -20.20 -1.64
N TYR B 58 -10.73 -19.70 -2.53
CA TYR B 58 -10.98 -19.74 -3.97
C TYR B 58 -10.80 -21.17 -4.51
N VAL B 59 -10.11 -22.01 -3.74
CA VAL B 59 -9.98 -23.40 -4.10
C VAL B 59 -11.10 -24.23 -3.46
N SER B 60 -11.38 -23.99 -2.18
CA SER B 60 -12.34 -24.83 -1.48
C SER B 60 -13.79 -24.59 -1.90
N ASN B 61 -14.15 -23.37 -2.26
CA ASN B 61 -15.49 -23.20 -2.82
C ASN B 61 -15.49 -23.78 -4.25
N LYS B 62 -16.18 -24.91 -4.45
CA LYS B 62 -16.10 -25.67 -5.70
C LYS B 62 -16.61 -24.89 -6.88
N THR B 63 -17.70 -24.17 -6.65
CA THR B 63 -18.34 -23.37 -7.68
C THR B 63 -17.40 -22.28 -8.15
N VAL B 64 -16.75 -21.58 -7.22
CA VAL B 64 -15.75 -20.58 -7.61
C VAL B 64 -14.53 -21.24 -8.25
N ASN B 65 -14.06 -22.32 -7.67
CA ASN B 65 -12.93 -23.06 -8.23
C ASN B 65 -13.16 -23.49 -9.68
N ASP B 66 -14.31 -24.09 -9.98
CA ASP B 66 -14.57 -24.57 -11.34
C ASP B 66 -14.67 -23.39 -12.29
N PHE B 67 -15.25 -22.30 -11.83
CA PHE B 67 -15.41 -21.16 -12.71
C PHE B 67 -14.04 -20.58 -13.06
N LEU B 68 -13.13 -20.58 -12.08
CA LEU B 68 -11.77 -20.08 -12.30
C LEU B 68 -10.98 -20.99 -13.25
N GLN B 69 -11.16 -22.30 -13.13
CA GLN B 69 -10.48 -23.23 -14.03
C GLN B 69 -10.87 -22.94 -15.47
N LYS B 70 -12.12 -22.52 -15.68
CA LYS B 70 -12.64 -22.30 -17.02
C LYS B 70 -12.33 -20.90 -17.58
N HIS B 71 -12.38 -19.90 -16.70
CA HIS B 71 -12.27 -18.50 -17.11
C HIS B 71 -11.08 -17.75 -16.52
N GLY B 72 -10.42 -18.32 -15.53
CA GLY B 72 -9.25 -17.66 -14.97
C GLY B 72 -9.55 -16.46 -14.06
N ALA B 73 -8.50 -15.84 -13.56
CA ALA B 73 -8.67 -14.73 -12.61
C ALA B 73 -9.44 -13.60 -13.30
N ASP B 74 -9.47 -13.66 -14.63
CA ASP B 74 -10.27 -12.71 -15.43
C ASP B 74 -11.71 -12.67 -14.97
N ALA B 75 -12.21 -13.77 -14.40
CA ALA B 75 -13.61 -13.85 -14.04
C ALA B 75 -13.93 -13.01 -12.79
N LEU B 76 -12.91 -12.62 -12.05
CA LEU B 76 -13.15 -11.95 -10.76
C LEU B 76 -13.47 -10.46 -10.96
N PRO B 77 -14.31 -9.86 -10.10
CA PRO B 77 -14.94 -10.49 -8.93
C PRO B 77 -16.08 -11.41 -9.32
N ILE B 78 -16.23 -12.47 -8.54
CA ILE B 78 -17.38 -13.34 -8.67
C ILE B 78 -18.32 -13.08 -7.49
N THR B 79 -19.60 -12.86 -7.77
CA THR B 79 -20.59 -12.76 -6.69
C THR B 79 -21.48 -14.01 -6.66
N LEU B 80 -21.47 -14.69 -5.53
CA LEU B 80 -22.37 -15.79 -5.28
C LEU B 80 -23.64 -15.29 -4.60
N VAL B 81 -24.78 -15.78 -5.05
CA VAL B 81 -26.05 -15.44 -4.42
C VAL B 81 -26.78 -16.74 -4.14
N ASP B 82 -27.00 -17.02 -2.86
CA ASP B 82 -27.42 -18.35 -2.44
C ASP B 82 -26.54 -19.41 -3.11
N GLY B 83 -25.24 -19.22 -3.08
CA GLY B 83 -24.32 -20.29 -3.43
C GLY B 83 -24.01 -20.48 -4.90
N GLU B 84 -24.73 -19.77 -5.78
CA GLU B 84 -24.43 -19.86 -7.20
C GLU B 84 -24.02 -18.52 -7.83
N ILE B 85 -23.30 -18.60 -8.94
CA ILE B 85 -22.72 -17.43 -9.55
C ILE B 85 -23.83 -16.57 -10.12
N ALA B 86 -23.87 -15.32 -9.69
CA ALA B 86 -24.90 -14.38 -10.14
C ALA B 86 -24.28 -13.28 -10.98
N VAL B 87 -23.04 -12.91 -10.62
CA VAL B 87 -22.34 -11.88 -11.36
C VAL B 87 -20.88 -12.27 -11.45
N SER B 88 -20.29 -11.95 -12.60
CA SER B 88 -18.90 -12.21 -12.86
C SER B 88 -18.30 -10.96 -13.50
N GLN B 89 -17.08 -10.61 -13.11
CA GLN B 89 -16.27 -9.60 -13.81
C GLN B 89 -16.63 -8.15 -13.46
N THR B 90 -17.87 -7.88 -13.07
CA THR B 90 -18.23 -6.55 -12.54
C THR B 90 -18.91 -6.74 -11.19
N TYR B 91 -19.03 -5.69 -10.38
CA TYR B 91 -19.76 -5.81 -9.12
C TYR B 91 -21.26 -5.73 -9.33
N PRO B 92 -22.06 -6.45 -8.49
CA PRO B 92 -23.52 -6.30 -8.54
C PRO B 92 -23.97 -4.83 -8.55
N THR B 93 -25.03 -4.52 -9.29
CA THR B 93 -25.58 -3.17 -9.28
C THR B 93 -26.26 -2.92 -7.94
N THR B 94 -26.43 -1.66 -7.60
CA THR B 94 -27.07 -1.37 -6.33
C THR B 94 -28.51 -1.89 -6.36
N LYS B 95 -29.15 -1.80 -7.53
CA LYS B 95 -30.49 -2.36 -7.70
C LYS B 95 -30.50 -3.84 -7.32
N GLN B 96 -29.53 -4.59 -7.83
CA GLN B 96 -29.42 -6.00 -7.49
C GLN B 96 -29.29 -6.23 -5.99
N MSE B 97 -28.31 -5.57 -5.36
CA MSE B 97 -28.13 -5.71 -3.92
C MSE B 97 -29.44 -5.45 -3.16
O MSE B 97 -29.80 -6.21 -2.23
CB MSE B 97 -27.02 -4.76 -3.43
CG MSE B 97 -25.68 -5.00 -4.09
SE MSE B 97 -24.93 -6.80 -3.75
CE MSE B 97 -24.13 -6.47 -1.99
N SER B 98 -30.17 -4.41 -3.54
CA SER B 98 -31.43 -4.09 -2.86
C SER B 98 -32.40 -5.25 -3.00
N GLU B 99 -32.44 -5.83 -4.19
CA GLU B 99 -33.40 -6.93 -4.44
C GLU B 99 -33.06 -8.18 -3.66
N TRP B 100 -31.77 -8.48 -3.55
CA TRP B 100 -31.33 -9.70 -2.89
C TRP B 100 -31.48 -9.56 -1.39
N THR B 101 -31.29 -8.34 -0.88
CA THR B 101 -31.37 -8.11 0.57
C THR B 101 -32.75 -7.69 1.01
N GLY B 102 -33.50 -7.09 0.08
CA GLY B 102 -34.77 -6.47 0.41
C GLY B 102 -34.60 -5.17 1.20
N VAL B 103 -33.43 -4.54 1.09
CA VAL B 103 -33.18 -3.26 1.76
C VAL B 103 -33.21 -2.17 0.69
N ASN B 104 -33.77 -1.01 1.00
CA ASN B 104 -33.73 0.04 0.00
C ASN B 104 -32.48 0.93 0.09
N LEU B 105 -31.51 0.67 -0.80
CA LEU B 105 -30.23 1.37 -0.76
C LEU B 105 -30.23 2.75 -1.45
N ALA C 3 24.50 -24.02 19.77
CA ALA C 3 25.43 -23.00 19.29
C ALA C 3 24.71 -21.98 18.39
N MSE C 4 23.59 -22.38 17.80
CA MSE C 4 22.78 -21.46 17.01
C MSE C 4 21.57 -20.90 17.79
O MSE C 4 20.63 -21.63 18.11
CB MSE C 4 22.31 -22.10 15.71
CG MSE C 4 21.07 -21.45 15.12
SE MSE C 4 20.81 -21.74 13.19
CE MSE C 4 21.17 -23.65 13.10
N LYS C 5 21.61 -19.60 18.08
CA LYS C 5 20.56 -18.96 18.87
C LYS C 5 19.37 -18.56 18.01
N LYS C 6 18.16 -18.73 18.53
CA LYS C 6 16.98 -18.32 17.78
C LYS C 6 16.67 -16.79 17.92
N ILE C 7 16.39 -16.16 16.79
CA ILE C 7 16.23 -14.71 16.72
C ILE C 7 14.82 -14.35 16.32
N GLU C 8 14.18 -13.48 17.11
CA GLU C 8 12.86 -13.01 16.79
C GLU C 8 12.83 -11.48 16.88
N ILE C 9 12.39 -10.82 15.82
CA ILE C 9 12.37 -9.35 15.80
C ILE C 9 10.93 -8.81 15.89
N PHE C 10 10.69 -7.90 16.83
CA PHE C 10 9.41 -7.19 16.98
C PHE C 10 9.61 -5.75 16.51
N ASP C 11 9.09 -5.43 15.32
CA ASP C 11 9.30 -4.11 14.72
C ASP C 11 8.31 -3.12 15.33
N PRO C 12 8.52 -1.80 15.11
CA PRO C 12 7.48 -0.80 15.37
C PRO C 12 6.35 -1.05 14.44
N ALA C 13 5.27 -0.30 14.58
CA ALA C 13 4.16 -0.34 13.62
C ALA C 13 4.70 0.09 12.26
N MSE C 14 4.58 -0.76 11.23
CA MSE C 14 5.03 -0.35 9.90
C MSE C 14 3.96 -0.68 8.85
O MSE C 14 3.08 -1.49 9.12
CB MSE C 14 6.37 -1.01 9.53
CG MSE C 14 7.41 -1.00 10.66
SE MSE C 14 9.12 -1.64 9.98
CE MSE C 14 8.58 -3.52 9.67
N CYS C 15 4.05 -0.07 7.67
CA CYS C 15 3.06 -0.32 6.63
C CYS C 15 3.22 -1.63 5.88
N CYS C 16 4.30 -2.37 6.12
CA CYS C 16 4.50 -3.68 5.49
C CYS C 16 5.56 -4.41 6.28
N PRO C 17 5.62 -5.75 6.14
CA PRO C 17 6.45 -6.54 7.04
C PRO C 17 7.93 -6.14 7.02
N THR C 18 8.40 -5.59 5.90
CA THR C 18 9.83 -5.30 5.82
C THR C 18 10.07 -3.82 6.02
N GLY C 19 9.02 -3.03 5.94
CA GLY C 19 9.16 -1.58 6.00
C GLY C 19 9.77 -1.00 4.73
N LEU C 20 9.92 -1.83 3.68
CA LEU C 20 10.63 -1.41 2.45
C LEU C 20 9.69 -1.08 1.33
N CYS C 21 8.49 -0.65 1.71
CA CYS C 21 7.42 -0.52 0.74
C CYS C 21 7.56 0.73 -0.13
N GLY C 22 7.58 1.90 0.53
CA GLY C 22 7.61 3.22 -0.12
C GLY C 22 8.87 3.57 -0.91
N THR C 23 8.95 4.82 -1.37
CA THR C 23 10.07 5.28 -2.22
C THR C 23 11.37 5.57 -1.45
N ASN C 24 11.24 6.07 -0.23
CA ASN C 24 12.43 6.33 0.54
C ASN C 24 12.85 5.09 1.34
N ILE C 25 14.04 4.59 1.06
CA ILE C 25 14.51 3.37 1.68
C ILE C 25 15.38 3.66 2.91
N ASN C 26 14.90 3.27 4.08
CA ASN C 26 15.71 3.40 5.27
C ASN C 26 16.87 2.39 5.17
N PRO C 27 18.12 2.89 5.24
CA PRO C 27 19.31 2.02 5.07
C PRO C 27 19.31 0.86 6.06
N GLU C 28 18.90 1.11 7.31
CA GLU C 28 18.90 0.05 8.31
C GLU C 28 17.83 -1.01 8.00
N LEU C 29 16.64 -0.57 7.56
CA LEU C 29 15.61 -1.53 7.17
C LEU C 29 16.05 -2.43 5.99
N MSE C 30 16.69 -1.84 5.00
CA MSE C 30 17.21 -2.60 3.89
C MSE C 30 18.29 -3.56 4.38
O MSE C 30 18.30 -4.72 3.97
CB MSE C 30 17.76 -1.69 2.82
CG MSE C 30 18.50 -2.42 1.73
SE MSE C 30 17.21 -3.49 0.72
CE MSE C 30 16.72 -1.95 -0.51
N ARG C 31 19.17 -3.11 5.28
CA ARG C 31 20.26 -3.99 5.69
C ARG C 31 19.69 -5.22 6.36
N ILE C 32 18.80 -5.00 7.32
CA ILE C 32 18.26 -6.11 8.07
C ILE C 32 17.36 -7.00 7.17
N ALA C 33 16.63 -6.41 6.23
CA ALA C 33 15.80 -7.25 5.34
C ALA C 33 16.67 -8.17 4.44
N VAL C 34 17.80 -7.66 3.98
CA VAL C 34 18.71 -8.45 3.15
C VAL C 34 19.31 -9.59 3.97
N VAL C 35 19.75 -9.27 5.20
CA VAL C 35 20.24 -10.28 6.09
C VAL C 35 19.16 -11.38 6.28
N ILE C 36 17.95 -10.98 6.65
CA ILE C 36 16.88 -11.97 6.86
C ILE C 36 16.65 -12.84 5.62
N GLU C 37 16.72 -12.23 4.45
CA GLU C 37 16.47 -12.97 3.23
C GLU C 37 17.64 -13.94 2.92
N SER C 38 18.86 -13.53 3.23
CA SER C 38 20.02 -14.41 3.10
C SER C 38 19.88 -15.61 4.00
N LEU C 39 19.58 -15.38 5.26
CA LEU C 39 19.43 -16.47 6.20
C LEU C 39 18.30 -17.39 5.75
N LYS C 40 17.21 -16.80 5.29
CA LYS C 40 16.10 -17.60 4.80
C LYS C 40 16.53 -18.54 3.65
N LYS C 41 17.35 -18.04 2.75
CA LYS C 41 17.80 -18.85 1.62
C LYS C 41 18.53 -20.08 2.13
N GLN C 42 18.97 -20.03 3.38
CA GLN C 42 19.80 -21.10 3.91
C GLN C 42 19.01 -21.93 4.89
N GLY C 43 17.70 -21.75 4.89
CA GLY C 43 16.85 -22.46 5.81
C GLY C 43 16.98 -21.98 7.25
N ILE C 44 17.47 -20.76 7.46
CA ILE C 44 17.44 -20.17 8.79
C ILE C 44 16.36 -19.09 8.88
N ILE C 45 15.38 -19.32 9.74
CA ILE C 45 14.21 -18.47 9.83
C ILE C 45 14.28 -17.52 11.01
N VAL C 46 14.29 -16.24 10.68
CA VAL C 46 14.21 -15.16 11.65
C VAL C 46 12.78 -14.66 11.58
N THR C 47 11.97 -14.90 12.60
CA THR C 47 10.59 -14.45 12.47
C THR C 47 10.50 -12.99 12.93
N ARG C 48 9.66 -12.21 12.27
CA ARG C 48 9.50 -10.85 12.66
C ARG C 48 8.04 -10.54 12.77
N HIS C 49 7.74 -9.56 13.63
CA HIS C 49 6.37 -9.11 13.84
C HIS C 49 6.32 -7.63 13.60
N ASN C 50 5.13 -7.22 13.23
CA ASN C 50 4.83 -5.85 12.96
C ASN C 50 3.70 -5.46 13.92
N LEU C 51 3.93 -4.44 14.75
CA LEU C 51 2.92 -3.99 15.73
C LEU C 51 1.58 -3.63 15.09
N ARG C 52 1.60 -3.13 13.85
CA ARG C 52 0.36 -2.82 13.13
C ARG C 52 -0.43 -4.07 12.74
N ASP C 53 0.25 -5.15 12.40
CA ASP C 53 -0.40 -6.37 11.92
C ASP C 53 -0.68 -7.39 13.03
N GLU C 54 0.22 -7.53 14.01
CA GLU C 54 -0.05 -8.42 15.14
C GLU C 54 0.07 -7.80 16.53
N PRO C 55 -0.79 -6.85 16.88
CA PRO C 55 -0.70 -6.24 18.22
C PRO C 55 -0.66 -7.30 19.32
N GLN C 56 -1.41 -8.37 19.15
CA GLN C 56 -1.62 -9.31 20.26
C GLN C 56 -0.33 -9.96 20.74
N VAL C 57 0.59 -10.25 19.82
CA VAL C 57 1.83 -10.91 20.19
C VAL C 57 2.73 -9.98 21.01
N TYR C 58 2.52 -8.67 20.89
CA TYR C 58 3.26 -7.71 21.71
C TYR C 58 2.73 -7.71 23.15
N VAL C 59 1.56 -8.34 23.36
CA VAL C 59 0.98 -8.46 24.69
C VAL C 59 1.24 -9.86 25.22
N SER C 60 0.96 -10.86 24.38
CA SER C 60 1.13 -12.26 24.77
C SER C 60 2.57 -12.73 24.98
N ASN C 61 3.56 -12.05 24.44
CA ASN C 61 4.95 -12.33 24.81
C ASN C 61 5.36 -11.53 26.04
N LYS C 62 5.48 -12.18 27.18
CA LYS C 62 5.64 -11.46 28.45
C LYS C 62 6.92 -10.63 28.50
N THR C 63 7.98 -11.14 27.89
CA THR C 63 9.26 -10.42 27.84
C THR C 63 9.07 -9.08 27.10
N VAL C 64 8.42 -9.13 25.95
CA VAL C 64 8.20 -7.92 25.18
C VAL C 64 7.22 -7.01 25.92
N ASN C 65 6.16 -7.61 26.47
CA ASN C 65 5.17 -6.86 27.21
C ASN C 65 5.80 -6.09 28.37
N ASP C 66 6.59 -6.75 29.20
CA ASP C 66 7.16 -6.05 30.36
C ASP C 66 8.14 -4.97 29.94
N PHE C 67 8.88 -5.22 28.87
CA PHE C 67 9.80 -4.22 28.36
C PHE C 67 9.04 -2.99 27.83
N LEU C 68 7.94 -3.22 27.11
CA LEU C 68 7.12 -2.10 26.61
C LEU C 68 6.45 -1.35 27.74
N GLN C 69 6.04 -2.03 28.80
CA GLN C 69 5.50 -1.32 29.94
C GLN C 69 6.51 -0.31 30.50
N LYS C 70 7.78 -0.70 30.56
CA LYS C 70 8.79 0.21 31.13
C LYS C 70 9.25 1.27 30.14
N HIS C 71 9.36 0.90 28.86
CA HIS C 71 10.05 1.76 27.91
C HIS C 71 9.22 2.32 26.77
N GLY C 72 8.02 1.77 26.58
CA GLY C 72 7.11 2.32 25.59
C GLY C 72 7.35 1.82 24.17
N ALA C 73 6.42 2.11 23.26
CA ALA C 73 6.54 1.66 21.88
C ALA C 73 7.76 2.30 21.22
N ASP C 74 8.22 3.43 21.75
CA ASP C 74 9.43 4.07 21.23
C ASP C 74 10.64 3.20 21.42
N ALA C 75 10.52 2.16 22.23
CA ALA C 75 11.65 1.26 22.41
C ALA C 75 11.79 0.28 21.23
N LEU C 76 10.74 0.14 20.43
CA LEU C 76 10.82 -0.78 19.27
C LEU C 76 11.81 -0.25 18.19
N PRO C 77 12.44 -1.15 17.41
CA PRO C 77 12.32 -2.62 17.39
C PRO C 77 12.98 -3.29 18.60
N ILE C 78 12.43 -4.42 19.03
CA ILE C 78 13.00 -5.23 20.08
C ILE C 78 13.40 -6.52 19.42
N THR C 79 14.62 -6.93 19.63
CA THR C 79 15.07 -8.23 19.13
C THR C 79 15.29 -9.20 20.29
N LEU C 80 14.64 -10.35 20.22
CA LEU C 80 14.89 -11.43 21.16
C LEU C 80 15.87 -12.43 20.61
N VAL C 81 16.76 -12.90 21.47
CA VAL C 81 17.64 -13.98 21.12
C VAL C 81 17.43 -15.05 22.18
N ASP C 82 17.04 -16.23 21.74
CA ASP C 82 16.60 -17.27 22.66
C ASP C 82 15.63 -16.73 23.70
N GLY C 83 14.75 -15.83 23.29
CA GLY C 83 13.68 -15.34 24.14
C GLY C 83 14.09 -14.22 25.10
N GLU C 84 15.37 -13.85 25.08
CA GLU C 84 15.89 -12.77 25.92
C GLU C 84 15.99 -11.49 25.10
N ILE C 85 15.63 -10.36 25.71
CA ILE C 85 15.85 -9.07 25.04
C ILE C 85 17.31 -8.99 24.72
N ALA C 86 17.67 -8.69 23.50
CA ALA C 86 19.07 -8.58 23.16
C ALA C 86 19.39 -7.22 22.55
N VAL C 87 18.41 -6.63 21.87
CA VAL C 87 18.60 -5.32 21.27
C VAL C 87 17.31 -4.51 21.31
N SER C 88 17.44 -3.20 21.48
CA SER C 88 16.29 -2.33 21.55
C SER C 88 16.57 -1.03 20.80
N GLN C 89 15.56 -0.53 20.09
CA GLN C 89 15.61 0.75 19.39
C GLN C 89 16.35 0.79 18.05
N THR C 90 17.40 -0.04 17.88
CA THR C 90 18.08 -0.17 16.57
C THR C 90 17.99 -1.62 16.16
N TYR C 91 18.20 -1.93 14.89
CA TYR C 91 18.27 -3.33 14.45
C TYR C 91 19.61 -3.96 14.80
N PRO C 92 19.64 -5.27 15.08
CA PRO C 92 20.94 -5.93 15.38
C PRO C 92 21.95 -5.69 14.25
N THR C 93 23.23 -5.58 14.62
CA THR C 93 24.31 -5.44 13.65
C THR C 93 24.46 -6.73 12.85
N THR C 94 24.91 -6.62 11.62
CA THR C 94 25.14 -7.84 10.86
C THR C 94 26.12 -8.75 11.62
N LYS C 95 27.05 -8.13 12.33
CA LYS C 95 28.00 -8.90 13.12
C LYS C 95 27.26 -9.73 14.18
N GLN C 96 26.26 -9.12 14.83
CA GLN C 96 25.49 -9.85 15.83
C GLN C 96 24.76 -11.00 15.14
N MSE C 97 24.08 -10.69 14.04
CA MSE C 97 23.36 -11.70 13.28
C MSE C 97 24.27 -12.89 12.86
O MSE C 97 23.83 -14.05 12.87
CB MSE C 97 22.60 -11.07 12.10
CG MSE C 97 21.62 -9.92 12.51
SE MSE C 97 20.09 -10.60 13.45
CE MSE C 97 19.27 -11.60 11.95
N SER C 98 25.53 -12.62 12.50
CA SER C 98 26.43 -13.71 12.10
C SER C 98 26.79 -14.57 13.30
N GLU C 99 27.03 -13.93 14.44
CA GLU C 99 27.41 -14.66 15.62
C GLU C 99 26.26 -15.54 16.09
N TRP C 100 25.06 -14.98 16.11
CA TRP C 100 23.90 -15.69 16.61
C TRP C 100 23.55 -16.88 15.73
N THR C 101 23.71 -16.73 14.42
CA THR C 101 23.24 -17.76 13.50
C THR C 101 24.34 -18.71 13.07
N GLY C 102 25.58 -18.33 13.33
CA GLY C 102 26.72 -19.09 12.86
C GLY C 102 26.94 -18.97 11.36
N VAL C 103 26.28 -18.01 10.72
CA VAL C 103 26.52 -17.78 9.29
C VAL C 103 27.44 -16.58 9.09
N ASN C 104 28.18 -16.56 7.99
CA ASN C 104 29.04 -15.42 7.70
C ASN C 104 28.46 -14.51 6.63
N LEU C 105 27.58 -13.62 7.08
CA LEU C 105 26.88 -12.64 6.26
C LEU C 105 27.77 -11.45 5.90
N ASP C 106 27.66 -10.96 4.66
CA ASP C 106 28.40 -9.76 4.23
C ASP C 106 27.86 -8.51 4.93
N ALA D 3 27.76 11.22 -22.05
CA ALA D 3 26.60 11.79 -21.34
C ALA D 3 25.78 10.69 -20.61
N MSE D 4 24.92 11.11 -19.67
CA MSE D 4 24.19 10.13 -18.85
C MSE D 4 22.92 9.59 -19.54
O MSE D 4 21.99 10.35 -19.88
CB MSE D 4 23.94 10.67 -17.40
CG MSE D 4 23.25 9.71 -16.33
SE MSE D 4 24.02 7.95 -15.67
CE MSE D 4 25.85 8.53 -15.15
N LYS D 5 22.91 8.28 -19.79
CA LYS D 5 21.71 7.58 -20.22
C LYS D 5 20.57 7.68 -19.19
N LYS D 6 19.39 8.15 -19.59
CA LYS D 6 18.24 8.20 -18.69
C LYS D 6 17.49 6.84 -18.70
N ILE D 7 17.27 6.27 -17.52
CA ILE D 7 16.69 4.96 -17.37
C ILE D 7 15.37 5.14 -16.68
N GLU D 8 14.30 4.58 -17.22
CA GLU D 8 13.01 4.76 -16.59
C GLU D 8 12.30 3.41 -16.64
N ILE D 9 11.79 2.96 -15.51
CA ILE D 9 11.21 1.61 -15.43
C ILE D 9 9.69 1.64 -15.21
N PHE D 10 8.95 0.86 -15.99
CA PHE D 10 7.51 0.81 -15.86
C PHE D 10 7.16 -0.56 -15.30
N ASP D 11 6.87 -0.63 -14.01
CA ASP D 11 6.55 -1.90 -13.34
C ASP D 11 5.16 -2.37 -13.71
N PRO D 12 4.88 -3.67 -13.49
CA PRO D 12 3.49 -4.17 -13.49
C PRO D 12 2.73 -3.48 -12.36
N ALA D 13 1.45 -3.79 -12.23
CA ALA D 13 0.65 -3.34 -11.09
C ALA D 13 1.19 -3.98 -9.82
N MSE D 14 1.48 -3.18 -8.79
CA MSE D 14 1.96 -3.73 -7.54
C MSE D 14 1.34 -2.96 -6.37
O MSE D 14 0.77 -1.87 -6.55
CB MSE D 14 3.52 -3.64 -7.47
CG MSE D 14 4.24 -4.30 -8.63
SE MSE D 14 6.22 -4.12 -8.54
CE MSE D 14 6.45 -2.25 -8.28
N CYS D 15 1.48 -3.49 -5.17
CA CYS D 15 0.86 -2.86 -4.03
C CYS D 15 1.69 -1.75 -3.40
N CYS D 16 2.94 -1.58 -3.83
CA CYS D 16 3.78 -0.48 -3.33
C CYS D 16 4.84 -0.18 -4.36
N PRO D 17 5.54 0.96 -4.25
CA PRO D 17 6.43 1.33 -5.35
C PRO D 17 7.60 0.36 -5.58
N THR D 18 8.10 -0.34 -4.56
CA THR D 18 9.21 -1.27 -4.82
C THR D 18 8.75 -2.68 -5.07
N GLY D 19 7.49 -2.96 -4.75
CA GLY D 19 7.01 -4.32 -4.90
C GLY D 19 7.43 -5.16 -3.71
N LEU D 20 8.10 -4.56 -2.72
CA LEU D 20 8.53 -5.35 -1.57
C LEU D 20 7.51 -5.19 -0.43
N CYS D 21 6.25 -5.53 -0.68
CA CYS D 21 5.16 -5.10 0.19
C CYS D 21 4.64 -6.19 1.05
N GLY D 22 5.13 -7.42 0.89
CA GLY D 22 4.64 -8.53 1.72
C GLY D 22 5.73 -9.30 2.42
N THR D 23 5.39 -10.50 2.89
CA THR D 23 6.33 -11.36 3.61
C THR D 23 7.36 -12.05 2.71
N ASN D 24 6.88 -12.59 1.58
CA ASN D 24 7.76 -13.17 0.56
C ASN D 24 8.38 -12.10 -0.30
N ILE D 25 9.68 -11.93 -0.14
CA ILE D 25 10.48 -11.03 -0.97
C ILE D 25 10.78 -11.68 -2.33
N ASN D 26 10.20 -11.15 -3.41
CA ASN D 26 10.63 -11.56 -4.74
C ASN D 26 12.10 -11.10 -4.98
N PRO D 27 13.01 -12.04 -5.23
CA PRO D 27 14.44 -11.70 -5.28
C PRO D 27 14.76 -10.75 -6.43
N GLU D 28 14.08 -10.85 -7.57
CA GLU D 28 14.30 -9.86 -8.62
C GLU D 28 13.90 -8.45 -8.17
N LEU D 29 12.74 -8.32 -7.51
CA LEU D 29 12.34 -6.99 -7.01
C LEU D 29 13.36 -6.46 -6.00
N MSE D 30 13.87 -7.33 -5.15
CA MSE D 30 14.85 -6.89 -4.18
C MSE D 30 16.12 -6.45 -4.92
O MSE D 30 16.68 -5.39 -4.64
CB MSE D 30 15.18 -7.99 -3.19
CG MSE D 30 16.42 -7.63 -2.36
SE MSE D 30 15.91 -6.25 -1.05
CE MSE D 30 15.08 -7.55 0.22
N ARG D 31 16.57 -7.26 -5.88
CA ARG D 31 17.79 -6.93 -6.58
C ARG D 31 17.68 -5.55 -7.25
N ILE D 32 16.58 -5.29 -7.94
CA ILE D 32 16.47 -4.04 -8.66
C ILE D 32 16.25 -2.87 -7.67
N ALA D 33 15.61 -3.11 -6.54
CA ALA D 33 15.47 -2.02 -5.56
C ALA D 33 16.84 -1.61 -5.02
N VAL D 34 17.68 -2.61 -4.76
CA VAL D 34 19.00 -2.30 -4.21
C VAL D 34 19.81 -1.54 -5.25
N VAL D 35 19.75 -1.96 -6.53
CA VAL D 35 20.42 -1.20 -7.59
C VAL D 35 19.97 0.27 -7.60
N ILE D 36 18.64 0.49 -7.56
CA ILE D 36 18.10 1.85 -7.70
C ILE D 36 18.54 2.70 -6.49
N GLU D 37 18.55 2.10 -5.31
CA GLU D 37 19.07 2.76 -4.09
C GLU D 37 20.54 3.11 -4.21
N SER D 38 21.37 2.18 -4.67
CA SER D 38 22.78 2.50 -4.83
C SER D 38 22.99 3.60 -5.83
N LEU D 39 22.24 3.58 -6.93
CA LEU D 39 22.32 4.65 -7.92
C LEU D 39 21.92 5.99 -7.29
N LYS D 40 20.83 5.99 -6.52
CA LYS D 40 20.32 7.20 -5.92
C LYS D 40 21.39 7.78 -4.98
N LYS D 41 22.12 6.92 -4.28
CA LYS D 41 23.23 7.42 -3.47
C LYS D 41 24.26 8.18 -4.31
N GLN D 42 24.45 7.80 -5.57
CA GLN D 42 25.39 8.51 -6.45
C GLN D 42 24.77 9.70 -7.16
N GLY D 43 23.53 10.06 -6.82
CA GLY D 43 22.89 11.17 -7.52
C GLY D 43 22.28 10.75 -8.86
N ILE D 44 22.22 9.46 -9.11
CA ILE D 44 21.65 9.02 -10.38
C ILE D 44 20.22 8.55 -10.13
N ILE D 45 19.24 9.15 -10.80
CA ILE D 45 17.84 8.92 -10.49
C ILE D 45 17.23 7.99 -11.51
N VAL D 46 16.80 6.81 -11.08
CA VAL D 46 16.10 5.91 -11.99
C VAL D 46 14.63 6.02 -11.65
N THR D 47 13.82 6.62 -12.49
CA THR D 47 12.45 6.77 -12.04
C THR D 47 11.68 5.55 -12.40
N ARG D 48 10.72 5.21 -11.56
CA ARG D 48 9.92 4.07 -11.88
C ARG D 48 8.45 4.38 -11.71
N HIS D 49 7.59 3.61 -12.35
CA HIS D 49 6.16 3.82 -12.27
C HIS D 49 5.51 2.49 -11.94
N ASN D 50 4.35 2.55 -11.32
CA ASN D 50 3.62 1.40 -10.89
C ASN D 50 2.27 1.42 -11.64
N LEU D 51 1.96 0.39 -12.41
CA LEU D 51 0.74 0.46 -13.24
C LEU D 51 -0.50 0.72 -12.39
N ARG D 52 -0.46 0.31 -11.13
CA ARG D 52 -1.62 0.49 -10.26
C ARG D 52 -1.96 1.92 -9.89
N ASP D 53 -0.94 2.73 -9.63
N ASP D 53 -0.98 2.77 -9.63
CA ASP D 53 -1.17 4.09 -9.18
CA ASP D 53 -1.37 4.13 -9.26
C ASP D 53 -1.00 5.15 -10.27
C ASP D 53 -1.11 5.17 -10.34
N GLU D 54 -0.36 4.80 -11.39
CA GLU D 54 -0.15 5.74 -12.50
C GLU D 54 -0.53 5.12 -13.83
N PRO D 55 -1.75 4.59 -13.93
CA PRO D 55 -2.23 3.98 -15.18
C PRO D 55 -2.07 4.93 -16.36
N GLN D 56 -2.31 6.22 -16.11
CA GLN D 56 -2.31 7.23 -17.15
C GLN D 56 -0.97 7.36 -17.90
N VAL D 57 0.15 7.19 -17.19
CA VAL D 57 1.42 7.36 -17.85
C VAL D 57 1.75 6.21 -18.80
N TYR D 58 1.17 5.03 -18.55
CA TYR D 58 1.32 3.89 -19.42
C TYR D 58 0.53 4.13 -20.72
N VAL D 59 -0.39 5.09 -20.67
CA VAL D 59 -1.19 5.40 -21.88
C VAL D 59 -0.55 6.58 -22.61
N SER D 60 -0.13 7.60 -21.87
CA SER D 60 0.38 8.80 -22.51
C SER D 60 1.81 8.64 -23.04
N ASN D 61 2.59 7.73 -22.47
CA ASN D 61 3.90 7.47 -23.05
C ASN D 61 3.71 6.64 -24.31
N LYS D 62 4.01 7.22 -25.46
CA LYS D 62 3.65 6.59 -26.73
C LYS D 62 4.43 5.29 -26.96
N THR D 63 5.73 5.34 -26.69
CA THR D 63 6.54 4.16 -26.83
C THR D 63 6.03 3.02 -25.94
N VAL D 64 5.70 3.29 -24.68
CA VAL D 64 5.16 2.22 -23.82
C VAL D 64 3.79 1.80 -24.30
N ASN D 65 2.94 2.77 -24.58
CA ASN D 65 1.58 2.43 -25.01
C ASN D 65 1.56 1.56 -26.29
N ASP D 66 2.35 1.93 -27.29
CA ASP D 66 2.38 1.12 -28.51
C ASP D 66 2.81 -0.29 -28.19
N PHE D 67 3.78 -0.43 -27.30
CA PHE D 67 4.34 -1.75 -27.02
C PHE D 67 3.29 -2.58 -26.27
N LEU D 68 2.61 -1.98 -25.31
CA LEU D 68 1.55 -2.72 -24.61
C LEU D 68 0.34 -3.04 -25.50
N GLN D 69 0.01 -2.15 -26.44
CA GLN D 69 -1.09 -2.44 -27.38
C GLN D 69 -0.76 -3.71 -28.12
N LYS D 70 0.51 -3.84 -28.46
CA LYS D 70 0.98 -5.00 -29.19
C LYS D 70 1.06 -6.25 -28.31
N HIS D 71 1.72 -6.17 -27.15
CA HIS D 71 1.99 -7.37 -26.38
C HIS D 71 1.21 -7.55 -25.10
N GLY D 72 0.45 -6.54 -24.70
CA GLY D 72 -0.35 -6.70 -23.50
C GLY D 72 0.44 -6.48 -22.22
N ALA D 73 -0.28 -6.32 -21.13
CA ALA D 73 0.30 -6.03 -19.83
C ALA D 73 1.32 -7.06 -19.37
N ASP D 74 1.30 -8.25 -19.96
CA ASP D 74 2.26 -9.27 -19.55
C ASP D 74 3.68 -8.91 -19.93
N ALA D 75 3.85 -7.95 -20.83
CA ALA D 75 5.17 -7.47 -21.22
C ALA D 75 5.87 -6.68 -20.12
N LEU D 76 5.12 -6.20 -19.13
CA LEU D 76 5.72 -5.40 -18.05
C LEU D 76 6.54 -6.32 -17.15
N PRO D 77 7.66 -5.84 -16.59
CA PRO D 77 8.21 -4.47 -16.57
C PRO D 77 8.85 -4.13 -17.90
N ILE D 78 8.68 -2.88 -18.32
CA ILE D 78 9.34 -2.41 -19.53
C ILE D 78 10.36 -1.38 -19.00
N THR D 79 11.58 -1.41 -19.51
CA THR D 79 12.59 -0.42 -19.15
C THR D 79 12.97 0.42 -20.36
N LEU D 80 12.87 1.74 -20.22
CA LEU D 80 13.26 2.63 -21.31
C LEU D 80 14.67 3.15 -20.98
N VAL D 81 15.53 3.20 -21.98
CA VAL D 81 16.83 3.83 -21.84
C VAL D 81 16.86 4.93 -22.90
N ASP D 82 17.01 6.17 -22.46
CA ASP D 82 16.86 7.33 -23.34
C ASP D 82 15.58 7.27 -24.14
N GLY D 83 14.47 6.88 -23.50
CA GLY D 83 13.17 6.90 -24.14
C GLY D 83 12.85 5.74 -25.08
N GLU D 84 13.82 4.85 -25.31
CA GLU D 84 13.54 3.67 -26.13
C GLU D 84 13.48 2.39 -25.30
N ILE D 85 12.64 1.48 -25.74
CA ILE D 85 12.53 0.20 -25.06
C ILE D 85 13.87 -0.54 -25.07
N ALA D 86 14.37 -0.87 -23.89
CA ALA D 86 15.63 -1.57 -23.81
C ALA D 86 15.41 -2.97 -23.26
N VAL D 87 14.41 -3.14 -22.41
CA VAL D 87 14.16 -4.45 -21.82
C VAL D 87 12.65 -4.56 -21.59
N SER D 88 12.11 -5.76 -21.76
CA SER D 88 10.75 -6.05 -21.33
C SER D 88 10.68 -7.43 -20.69
N GLN D 89 9.59 -7.72 -19.98
CA GLN D 89 9.36 -9.03 -19.37
C GLN D 89 10.11 -9.23 -18.07
N THR D 90 11.37 -8.83 -18.05
CA THR D 90 12.20 -9.01 -16.85
C THR D 90 12.84 -7.66 -16.50
N TYR D 91 13.39 -7.53 -15.29
CA TYR D 91 14.10 -6.30 -14.94
C TYR D 91 15.49 -6.33 -15.59
N PRO D 92 16.07 -5.16 -15.88
CA PRO D 92 17.42 -5.15 -16.44
C PRO D 92 18.40 -5.85 -15.50
N THR D 93 19.43 -6.50 -16.02
CA THR D 93 20.40 -7.17 -15.16
C THR D 93 21.24 -6.11 -14.50
N THR D 94 21.88 -6.47 -13.40
CA THR D 94 22.78 -5.56 -12.74
C THR D 94 23.92 -5.12 -13.66
N LYS D 95 24.41 -6.05 -14.48
N LYS D 95 24.43 -6.02 -14.49
CA LYS D 95 25.42 -5.73 -15.47
CA LYS D 95 25.48 -5.64 -15.43
C LYS D 95 24.94 -4.63 -16.42
C LYS D 95 24.99 -4.66 -16.51
N GLN D 96 23.75 -4.79 -16.96
CA GLN D 96 23.20 -3.75 -17.87
C GLN D 96 23.14 -2.38 -17.17
N MSE D 97 22.65 -2.37 -15.94
CA MSE D 97 22.44 -1.12 -15.20
C MSE D 97 23.82 -0.49 -14.98
O MSE D 97 24.03 0.72 -15.06
CB MSE D 97 21.74 -1.39 -13.87
CG MSE D 97 20.27 -1.89 -13.92
SE MSE D 97 19.09 -0.58 -14.77
CE MSE D 97 18.71 0.51 -13.18
N SER D 98 24.78 -1.36 -14.71
CA SER D 98 26.14 -0.90 -14.48
C SER D 98 26.75 -0.27 -15.75
N GLU D 99 26.60 -0.93 -16.89
N GLU D 99 26.60 -0.94 -16.89
CA GLU D 99 27.10 -0.38 -18.15
CA GLU D 99 27.07 -0.37 -18.16
C GLU D 99 26.39 0.93 -18.58
C GLU D 99 26.41 0.98 -18.46
N TRP D 100 25.10 1.03 -18.34
CA TRP D 100 24.37 2.24 -18.70
C TRP D 100 24.70 3.42 -17.82
N THR D 101 25.12 3.18 -16.58
CA THR D 101 25.32 4.31 -15.66
C THR D 101 26.78 4.62 -15.35
N GLY D 102 27.68 3.73 -15.71
CA GLY D 102 29.07 3.92 -15.33
C GLY D 102 29.34 3.70 -13.84
N VAL D 103 28.36 3.12 -13.14
CA VAL D 103 28.53 2.79 -11.72
C VAL D 103 28.74 1.29 -11.46
N ASN D 104 29.78 0.94 -10.70
CA ASN D 104 30.02 -0.47 -10.30
C ASN D 104 28.97 -0.87 -9.26
N LEU D 105 28.04 -1.74 -9.63
CA LEU D 105 26.95 -2.16 -8.73
C LEU D 105 27.10 -3.57 -8.08
N ASP D 106 28.30 -4.11 -8.04
CA ASP D 106 28.54 -5.35 -7.26
C ASP D 106 28.02 -5.23 -5.83
C1 GOL E . 0.98 4.96 10.24
O1 GOL E . 1.65 5.52 9.11
C2 GOL E . 1.37 3.50 10.43
O2 GOL E . 2.79 3.35 10.46
C3 GOL E . 0.74 2.92 11.70
O3 GOL E . -0.28 1.99 11.38
C ACY F . -6.45 -2.42 -5.61
O ACY F . -5.69 -2.97 -6.44
OXT ACY F . -6.09 -2.18 -4.44
CH3 ACY F . -7.85 -2.05 -6.06
C ACY G . 7.61 1.88 7.29
O ACY G . 8.66 1.83 6.61
OXT ACY G . 6.43 1.76 6.84
CH3 ACY G . 7.82 2.09 8.76
C1 GOL H . 15.72 1.19 25.65
O1 GOL H . 15.32 1.84 24.47
C2 GOL H . 17.11 1.69 26.03
O2 GOL H . 17.38 2.84 25.26
C3 GOL H . 18.13 0.59 25.73
O3 GOL H . 19.44 1.08 25.87
CA CA I . 5.73 -12.23 -19.10
C1 GOL J . -4.09 -5.09 -8.25
O1 GOL J . -4.40 -3.81 -8.76
C2 GOL J . -2.74 -4.98 -7.55
O2 GOL J . -2.15 -3.79 -8.03
C3 GOL J . -1.81 -6.19 -7.76
O3 GOL J . -2.01 -7.16 -6.75
#